data_4M20
#
_entry.id   4M20
#
_cell.length_a   44.050
_cell.length_b   89.050
_cell.length_c   60.740
_cell.angle_alpha   90.00
_cell.angle_beta   100.53
_cell.angle_gamma   90.00
#
_symmetry.space_group_name_H-M   'P 1 21 1'
#
loop_
_entity.id
_entity.type
_entity.pdbx_description
1 polymer 'Uncharacterized protein'
2 non-polymer 'COENZYME A'
3 water water
#
_entity_poly.entity_id   1
_entity_poly.type   'polypeptide(L)'
_entity_poly.pdbx_seq_one_letter_code
;SNAMTHLLETFEMSIDHQEDGLVVISMPVTDKVKQPFGYLHGGASIALGETACSLGSANLIDTTKFIPLGLEMNANHIHS
AKDGRVTATAEIIHRGKSTHVWDIKIKNDKEQLITVMRGTVAIKPLK
;
_entity_poly.pdbx_strand_id   A,B,C,D
#
# COMPACT_ATOMS: atom_id res chain seq x y z
N THR A 5 25.99 -10.71 2.53
CA THR A 5 25.05 -11.27 1.56
C THR A 5 23.88 -11.98 2.20
N HIS A 6 23.97 -12.18 3.50
CA HIS A 6 23.31 -13.33 4.09
C HIS A 6 21.78 -13.50 4.00
N LEU A 7 20.91 -12.50 3.98
CA LEU A 7 19.51 -12.91 3.69
C LEU A 7 19.38 -13.46 2.24
N LEU A 8 20.10 -12.83 1.32
CA LEU A 8 20.14 -13.31 -0.06
C LEU A 8 20.67 -14.74 -0.11
N GLU A 9 21.66 -15.02 0.73
CA GLU A 9 22.23 -16.35 0.83
C GLU A 9 21.26 -17.33 1.51
N THR A 10 20.60 -16.87 2.58
CA THR A 10 19.65 -17.66 3.32
C THR A 10 18.54 -18.17 2.44
N PHE A 11 18.08 -17.33 1.52
CA PHE A 11 17.00 -17.67 0.62
C PHE A 11 17.49 -18.26 -0.70
N GLU A 12 18.80 -18.38 -0.83
CA GLU A 12 19.44 -18.95 -2.03
C GLU A 12 19.00 -18.21 -3.30
N MET A 13 19.03 -16.88 -3.22
CA MET A 13 18.64 -16.05 -4.35
C MET A 13 19.73 -16.05 -5.43
N SER A 14 19.31 -16.01 -6.68
CA SER A 14 20.24 -15.90 -7.80
C SER A 14 19.81 -14.72 -8.67
N ILE A 15 20.75 -13.82 -8.90
CA ILE A 15 20.50 -12.71 -9.78
C ILE A 15 20.61 -13.24 -11.20
N ASP A 16 19.49 -13.33 -11.91
CA ASP A 16 19.48 -13.86 -13.28
C ASP A 16 19.80 -12.79 -14.31
N HIS A 17 19.47 -11.55 -14.01
CA HIS A 17 19.75 -10.46 -14.94
C HIS A 17 19.66 -9.11 -14.27
N GLN A 18 20.56 -8.22 -14.68
CA GLN A 18 20.53 -6.81 -14.29
C GLN A 18 20.86 -5.97 -15.50
N GLU A 19 20.11 -4.91 -15.68
CA GLU A 19 20.48 -3.84 -16.59
C GLU A 19 19.84 -2.59 -16.00
N ASP A 20 20.19 -1.42 -16.53
CA ASP A 20 19.67 -0.19 -15.99
C ASP A 20 18.14 -0.21 -15.96
N GLY A 21 17.56 -0.13 -14.77
CA GLY A 21 16.11 -0.11 -14.66
C GLY A 21 15.41 -1.47 -14.72
N LEU A 22 16.18 -2.54 -14.70
CA LEU A 22 15.56 -3.88 -14.71
C LEU A 22 16.39 -4.89 -13.94
N VAL A 23 15.75 -5.57 -13.00
CA VAL A 23 16.43 -6.59 -12.22
C VAL A 23 15.57 -7.84 -12.14
N VAL A 24 16.19 -8.97 -12.41
CA VAL A 24 15.50 -10.24 -12.31
C VAL A 24 16.22 -11.13 -11.31
N ILE A 25 15.49 -11.55 -10.27
CA ILE A 25 16.09 -12.39 -9.24
C ILE A 25 15.17 -13.57 -8.96
N SER A 26 15.75 -14.77 -8.91
CA SER A 26 14.94 -15.97 -8.67
C SER A 26 15.37 -16.64 -7.37
N MET A 27 14.56 -17.57 -6.86
CA MET A 27 14.96 -18.35 -5.69
C MET A 27 14.13 -19.61 -5.62
N PRO A 28 14.69 -20.66 -5.00
CA PRO A 28 13.95 -21.92 -4.88
C PRO A 28 12.91 -21.86 -3.78
N VAL A 29 11.77 -22.51 -4.03
CA VAL A 29 10.74 -22.65 -3.03
C VAL A 29 11.05 -23.87 -2.20
N THR A 30 11.68 -23.67 -1.04
CA THR A 30 12.04 -24.79 -0.20
C THR A 30 11.25 -24.70 1.11
N ASP A 31 11.38 -25.74 1.93
CA ASP A 31 10.66 -25.75 3.19
C ASP A 31 11.09 -24.60 4.09
N LYS A 32 12.38 -24.23 4.06
CA LYS A 32 12.86 -23.15 4.90
C LYS A 32 12.19 -21.79 4.62
N VAL A 33 11.56 -21.63 3.45
CA VAL A 33 10.89 -20.38 3.09
C VAL A 33 9.37 -20.58 2.95
N LYS A 34 8.87 -21.70 3.47
CA LYS A 34 7.43 -21.97 3.37
C LYS A 34 6.65 -21.50 4.60
N GLN A 35 5.35 -21.34 4.45
CA GLN A 35 4.50 -21.18 5.63
C GLN A 35 4.28 -22.61 6.13
N PRO A 36 3.76 -22.80 7.35
CA PRO A 36 3.61 -24.16 7.87
C PRO A 36 2.67 -25.09 7.06
N PHE A 37 1.62 -24.54 6.44
CA PHE A 37 0.56 -25.33 5.81
C PHE A 37 0.99 -26.46 4.81
N GLY A 38 1.85 -26.20 3.82
CA GLY A 38 2.50 -24.92 3.62
C GLY A 38 2.88 -24.56 2.19
N TYR A 39 2.61 -23.30 1.88
CA TYR A 39 2.98 -22.70 0.62
C TYR A 39 4.22 -21.83 0.84
N LEU A 40 4.73 -21.25 -0.23
CA LEU A 40 5.71 -20.18 -0.11
C LEU A 40 5.14 -19.09 0.82
N HIS A 41 5.94 -18.67 1.80
CA HIS A 41 5.53 -17.60 2.73
C HIS A 41 5.43 -16.29 1.97
N GLY A 42 4.34 -15.55 2.15
CA GLY A 42 4.14 -14.28 1.44
C GLY A 42 5.28 -13.33 1.72
N GLY A 43 5.78 -13.37 2.95
CA GLY A 43 6.89 -12.52 3.35
C GLY A 43 8.18 -12.81 2.63
N ALA A 44 8.39 -14.08 2.25
CA ALA A 44 9.62 -14.46 1.55
C ALA A 44 9.59 -13.90 0.15
N SER A 45 8.41 -13.98 -0.45
CA SER A 45 8.15 -13.37 -1.75
C SER A 45 8.40 -11.83 -1.70
N ILE A 46 7.85 -11.18 -0.68
CA ILE A 46 8.05 -9.74 -0.55
C ILE A 46 9.56 -9.43 -0.37
N ALA A 47 10.25 -10.26 0.40
CA ALA A 47 11.68 -10.04 0.64
C ALA A 47 12.48 -10.14 -0.67
N LEU A 48 12.10 -11.11 -1.49
CA LEU A 48 12.70 -11.23 -2.83
C LEU A 48 12.47 -9.95 -3.66
N GLY A 49 11.24 -9.45 -3.66
CA GLY A 49 10.94 -8.18 -4.34
C GLY A 49 11.73 -6.97 -3.86
N GLU A 50 11.81 -6.82 -2.53
CA GLU A 50 12.49 -5.66 -1.96
C GLU A 50 13.98 -5.76 -2.29
N THR A 51 14.52 -6.99 -2.28
CA THR A 51 15.89 -7.22 -2.71
C THR A 51 16.11 -6.73 -4.15
N ALA A 52 15.19 -7.12 -5.04
CA ALA A 52 15.33 -6.75 -6.45
C ALA A 52 15.32 -5.23 -6.68
N CYS A 53 14.35 -4.53 -6.09
CA CYS A 53 14.35 -3.09 -6.39
C CYS A 53 15.46 -2.35 -5.62
N SER A 54 15.86 -2.85 -4.46
CA SER A 54 16.98 -2.21 -3.78
C SER A 54 18.25 -2.33 -4.64
N LEU A 55 18.50 -3.52 -5.18
CA LEU A 55 19.63 -3.73 -6.08
C LEU A 55 19.53 -2.85 -7.34
N GLY A 56 18.33 -2.73 -7.90
CA GLY A 56 18.14 -1.88 -9.06
C GLY A 56 18.51 -0.43 -8.77
N SER A 57 18.02 0.08 -7.63
CA SER A 57 18.29 1.47 -7.29
C SER A 57 19.78 1.71 -7.06
N ALA A 58 20.43 0.76 -6.39
CA ALA A 58 21.87 0.86 -6.16
C ALA A 58 22.60 0.94 -7.48
N ASN A 59 22.15 0.16 -8.45
CA ASN A 59 22.77 0.16 -9.78
C ASN A 59 22.54 1.47 -10.53
N LEU A 60 21.51 2.22 -10.15
CA LEU A 60 21.25 3.47 -10.88
C LEU A 60 21.89 4.74 -10.30
N ILE A 61 22.55 4.65 -9.15
CA ILE A 61 23.07 5.84 -8.50
C ILE A 61 24.56 5.75 -8.21
N ASP A 62 25.13 6.88 -7.84
CA ASP A 62 26.53 6.93 -7.45
C ASP A 62 26.61 6.49 -5.99
N THR A 63 26.98 5.24 -5.77
CA THR A 63 26.94 4.68 -4.42
C THR A 63 28.08 5.19 -3.52
N THR A 64 28.93 6.08 -4.04
CA THR A 64 29.95 6.71 -3.19
C THR A 64 29.43 8.02 -2.60
N LYS A 65 28.27 8.45 -3.09
CA LYS A 65 27.69 9.71 -2.64
C LYS A 65 26.29 9.53 -2.09
N PHE A 66 25.57 8.52 -2.58
CA PHE A 66 24.17 8.31 -2.18
C PHE A 66 23.92 6.88 -1.70
N ILE A 67 22.91 6.72 -0.85
CA ILE A 67 22.49 5.40 -0.39
C ILE A 67 21.00 5.20 -0.67
N PRO A 68 20.62 4.02 -1.22
CA PRO A 68 19.21 3.70 -1.46
C PRO A 68 18.59 3.01 -0.25
N LEU A 69 17.55 3.61 0.31
CA LEU A 69 16.85 3.03 1.45
C LEU A 69 15.42 2.70 1.08
N GLY A 70 15.03 1.45 1.25
CA GLY A 70 13.63 1.08 1.08
C GLY A 70 12.80 1.98 1.96
N LEU A 71 11.83 2.66 1.36
CA LEU A 71 11.00 3.58 2.11
C LEU A 71 9.60 3.01 2.29
N GLU A 72 9.01 2.58 1.18
CA GLU A 72 7.63 2.03 1.28
C GLU A 72 7.56 0.81 0.38
N MET A 73 6.87 -0.24 0.83
CA MET A 73 6.69 -1.45 0.02
C MET A 73 5.25 -1.85 0.13
N ASN A 74 4.62 -2.21 -0.96
CA ASN A 74 3.27 -2.78 -0.86
C ASN A 74 3.12 -3.94 -1.83
N ALA A 75 2.20 -4.85 -1.54
CA ALA A 75 2.09 -6.08 -2.29
C ALA A 75 0.72 -6.72 -2.17
N ASN A 76 0.27 -7.30 -3.28
CA ASN A 76 -0.89 -8.17 -3.35
C ASN A 76 -0.42 -9.59 -3.60
N HIS A 77 -0.87 -10.52 -2.78
CA HIS A 77 -0.64 -11.94 -3.02
C HIS A 77 -1.77 -12.48 -3.87
N ILE A 78 -1.42 -13.08 -5.02
CA ILE A 78 -2.39 -13.51 -6.03
C ILE A 78 -2.60 -15.03 -6.13
N HIS A 79 -1.50 -15.75 -6.34
CA HIS A 79 -1.52 -17.20 -6.41
C HIS A 79 -0.50 -17.79 -5.42
N SER A 80 -0.63 -19.08 -5.13
CA SER A 80 0.29 -19.76 -4.23
C SER A 80 1.45 -20.44 -4.96
N ALA A 81 2.53 -20.70 -4.23
CA ALA A 81 3.65 -21.47 -4.76
C ALA A 81 3.96 -22.60 -3.81
N LYS A 82 4.12 -23.82 -4.34
CA LYS A 82 4.40 -24.96 -3.47
C LYS A 82 5.81 -25.52 -3.68
N ASP A 83 6.37 -25.32 -4.87
CA ASP A 83 7.68 -25.91 -5.19
C ASP A 83 8.35 -25.29 -6.41
N GLY A 84 9.55 -25.78 -6.75
CA GLY A 84 10.27 -25.25 -7.89
C GLY A 84 10.86 -23.90 -7.55
N ARG A 85 10.84 -22.97 -8.51
CA ARG A 85 11.44 -21.65 -8.30
C ARG A 85 10.44 -20.51 -8.49
N VAL A 86 10.66 -19.40 -7.79
CA VAL A 86 9.90 -18.17 -8.07
C VAL A 86 10.84 -17.07 -8.55
N THR A 87 10.33 -16.22 -9.41
CA THR A 87 11.13 -15.20 -10.08
C THR A 87 10.51 -13.81 -9.99
N ALA A 88 11.26 -12.86 -9.45
CA ALA A 88 10.84 -11.47 -9.34
C ALA A 88 11.47 -10.66 -10.48
N THR A 89 10.62 -9.97 -11.22
CA THR A 89 11.04 -9.04 -12.24
C THR A 89 10.71 -7.65 -11.77
N ALA A 90 11.73 -6.85 -11.49
CA ALA A 90 11.58 -5.49 -11.05
C ALA A 90 11.92 -4.51 -12.15
N GLU A 91 10.94 -3.69 -12.54
CA GLU A 91 11.14 -2.67 -13.57
C GLU A 91 10.92 -1.30 -12.98
N ILE A 92 11.81 -0.35 -13.29
CA ILE A 92 11.66 0.97 -12.69
C ILE A 92 10.51 1.71 -13.38
N ILE A 93 9.71 2.41 -12.58
CA ILE A 93 8.59 3.24 -13.03
C ILE A 93 9.02 4.72 -13.07
N HIS A 94 9.80 5.10 -12.07
CA HIS A 94 10.19 6.49 -11.87
C HIS A 94 11.56 6.56 -11.26
N ARG A 95 12.47 7.23 -11.96
CA ARG A 95 13.82 7.44 -11.47
C ARG A 95 13.98 8.90 -11.11
N GLY A 96 13.58 9.28 -9.90
CA GLY A 96 13.65 10.65 -9.46
C GLY A 96 14.96 10.96 -8.75
N LYS A 97 15.15 12.22 -8.36
CA LYS A 97 16.35 12.65 -7.67
C LYS A 97 16.44 12.08 -6.26
N SER A 98 15.32 12.12 -5.54
CA SER A 98 15.32 11.66 -4.15
C SER A 98 14.54 10.35 -3.93
N THR A 99 13.73 9.93 -4.91
CA THR A 99 13.06 8.62 -4.85
C THR A 99 13.08 7.87 -6.19
N HIS A 100 13.10 6.54 -6.10
CA HIS A 100 12.84 5.64 -7.23
C HIS A 100 11.55 4.85 -6.90
N VAL A 101 10.69 4.66 -7.90
CA VAL A 101 9.52 3.82 -7.68
C VAL A 101 9.64 2.63 -8.64
N TRP A 102 9.40 1.43 -8.13
CA TRP A 102 9.59 0.18 -8.87
C TRP A 102 8.31 -0.64 -8.94
N ASP A 103 8.04 -1.20 -10.11
CA ASP A 103 7.02 -2.23 -10.25
C ASP A 103 7.68 -3.60 -10.16
N ILE A 104 7.16 -4.49 -9.34
CA ILE A 104 7.79 -5.81 -9.25
C ILE A 104 6.74 -6.88 -9.41
N LYS A 105 6.99 -7.83 -10.31
CA LYS A 105 6.12 -8.99 -10.49
C LYS A 105 6.83 -10.25 -10.11
N ILE A 106 6.19 -11.08 -9.30
CA ILE A 106 6.79 -12.32 -8.84
C ILE A 106 5.95 -13.49 -9.31
N LYS A 107 6.57 -14.36 -10.12
CA LYS A 107 5.90 -15.48 -10.81
C LYS A 107 6.46 -16.84 -10.40
N ASN A 108 5.65 -17.88 -10.55
CA ASN A 108 6.13 -19.23 -10.30
C ASN A 108 6.57 -19.86 -11.61
N ASP A 109 6.88 -21.16 -11.57
CA ASP A 109 7.30 -21.91 -12.76
C ASP A 109 6.28 -21.87 -13.87
N LYS A 110 5.01 -21.94 -13.47
CA LYS A 110 3.93 -22.05 -14.43
C LYS A 110 3.53 -20.70 -15.01
N GLU A 111 4.39 -19.69 -14.82
CA GLU A 111 4.13 -18.31 -15.26
C GLU A 111 2.89 -17.71 -14.59
N GLN A 112 2.52 -18.21 -13.42
CA GLN A 112 1.43 -17.59 -12.67
C GLN A 112 1.97 -16.46 -11.83
N LEU A 113 1.19 -15.39 -11.72
CA LEU A 113 1.51 -14.30 -10.83
C LEU A 113 1.32 -14.74 -9.38
N ILE A 114 2.41 -14.81 -8.61
CA ILE A 114 2.31 -15.15 -7.19
C ILE A 114 2.08 -13.88 -6.36
N THR A 115 2.89 -12.87 -6.66
CA THR A 115 2.82 -11.61 -5.91
C THR A 115 3.07 -10.43 -6.83
N VAL A 116 2.25 -9.39 -6.73
CA VAL A 116 2.54 -8.16 -7.46
C VAL A 116 2.82 -7.07 -6.42
N MET A 117 3.80 -6.24 -6.71
CA MET A 117 4.39 -5.38 -5.69
C MET A 117 4.75 -4.02 -6.26
N ARG A 118 4.68 -2.98 -5.43
CA ARG A 118 5.30 -1.71 -5.79
C ARG A 118 6.20 -1.25 -4.65
N GLY A 119 7.39 -0.78 -5.00
CA GLY A 119 8.35 -0.37 -3.98
C GLY A 119 8.85 1.06 -4.22
N THR A 120 8.95 1.82 -3.15
CA THR A 120 9.49 3.17 -3.19
C THR A 120 10.80 3.17 -2.42
N VAL A 121 11.87 3.56 -3.09
CA VAL A 121 13.22 3.58 -2.53
C VAL A 121 13.66 5.02 -2.41
N ALA A 122 14.05 5.41 -1.21
CA ALA A 122 14.56 6.76 -0.97
C ALA A 122 16.03 6.82 -1.36
N ILE A 123 16.42 7.88 -2.05
CA ILE A 123 17.83 8.11 -2.40
C ILE A 123 18.41 9.18 -1.50
N LYS A 124 19.27 8.78 -0.57
CA LYS A 124 19.74 9.69 0.48
C LYS A 124 21.20 10.05 0.36
N PRO A 125 21.54 11.31 0.66
CA PRO A 125 22.95 11.74 0.72
C PRO A 125 23.69 11.04 1.87
N HIS B 6 7.54 -22.96 8.63
CA HIS B 6 8.97 -23.21 8.67
C HIS B 6 9.86 -21.96 8.48
N LEU B 7 9.37 -20.94 7.78
CA LEU B 7 10.11 -19.66 7.74
C LEU B 7 10.21 -19.15 9.18
N LEU B 8 9.16 -19.40 9.94
CA LEU B 8 9.14 -19.04 11.36
C LEU B 8 10.35 -19.64 12.07
N GLU B 9 10.68 -20.89 11.72
CA GLU B 9 11.86 -21.53 12.28
C GLU B 9 13.16 -21.01 11.67
N THR B 10 13.19 -20.78 10.35
CA THR B 10 14.37 -20.24 9.69
C THR B 10 14.84 -18.91 10.30
N PHE B 11 13.90 -18.05 10.63
CA PHE B 11 14.21 -16.73 11.17
C PHE B 11 14.27 -16.76 12.69
N GLU B 12 14.07 -17.95 13.27
CA GLU B 12 14.11 -18.12 14.72
C GLU B 12 13.10 -17.19 15.40
N MET B 13 11.88 -17.16 14.88
CA MET B 13 10.83 -16.31 15.44
C MET B 13 10.32 -16.93 16.74
N SER B 14 10.01 -16.09 17.70
CA SER B 14 9.47 -16.59 18.95
C SER B 14 8.17 -15.88 19.19
N ILE B 15 7.09 -16.65 19.41
CA ILE B 15 5.81 -16.05 19.72
C ILE B 15 5.79 -15.68 21.21
N ASP B 16 5.85 -14.40 21.51
CA ASP B 16 5.96 -13.95 22.90
C ASP B 16 4.60 -13.89 23.56
N HIS B 17 3.57 -13.62 22.78
CA HIS B 17 2.21 -13.51 23.32
C HIS B 17 1.17 -13.60 22.23
N GLN B 18 0.07 -14.28 22.53
CA GLN B 18 -1.08 -14.29 21.64
C GLN B 18 -2.33 -14.25 22.49
N GLU B 19 -3.30 -13.44 22.07
CA GLU B 19 -4.65 -13.47 22.64
C GLU B 19 -5.52 -13.03 21.50
N ASP B 20 -6.84 -13.09 21.66
CA ASP B 20 -7.74 -12.71 20.57
C ASP B 20 -7.46 -11.30 20.09
N GLY B 21 -7.06 -11.17 18.83
CA GLY B 21 -6.81 -9.87 18.23
C GLY B 21 -5.48 -9.20 18.52
N LEU B 22 -4.57 -9.93 19.14
CA LEU B 22 -3.26 -9.38 19.46
C LEU B 22 -2.19 -10.45 19.42
N VAL B 23 -1.19 -10.23 18.59
CA VAL B 23 -0.10 -11.19 18.49
C VAL B 23 1.21 -10.45 18.57
N VAL B 24 2.10 -10.98 19.38
CA VAL B 24 3.43 -10.41 19.52
C VAL B 24 4.46 -11.47 19.16
N ILE B 25 5.26 -11.21 18.13
CA ILE B 25 6.30 -12.16 17.69
C ILE B 25 7.60 -11.44 17.54
N SER B 26 8.68 -12.01 18.07
CA SER B 26 9.97 -11.36 17.99
C SER B 26 10.96 -12.25 17.28
N MET B 27 12.08 -11.67 16.88
CA MET B 27 13.15 -12.47 16.30
C MET B 27 14.46 -11.71 16.45
N PRO B 28 15.58 -12.45 16.55
CA PRO B 28 16.88 -11.81 16.68
C PRO B 28 17.36 -11.27 15.34
N VAL B 29 18.05 -10.15 15.39
CA VAL B 29 18.68 -9.59 14.20
C VAL B 29 20.03 -10.27 14.04
N THR B 30 20.07 -11.31 13.19
CA THR B 30 21.30 -12.03 12.94
C THR B 30 21.69 -11.93 11.46
N ASP B 31 22.84 -12.50 11.12
CA ASP B 31 23.31 -12.38 9.74
C ASP B 31 22.29 -12.95 8.75
N LYS B 32 21.59 -14.01 9.12
CA LYS B 32 20.64 -14.65 8.22
C LYS B 32 19.49 -13.75 7.75
N VAL B 33 19.20 -12.67 8.49
CA VAL B 33 18.10 -11.80 8.10
C VAL B 33 18.59 -10.39 7.75
N LYS B 34 19.90 -10.24 7.56
CA LYS B 34 20.48 -8.94 7.26
C LYS B 34 20.65 -8.72 5.75
N GLN B 35 20.73 -7.46 5.33
CA GLN B 35 21.07 -7.17 3.95
C GLN B 35 22.59 -7.28 3.89
N PRO B 36 23.18 -7.34 2.69
CA PRO B 36 24.64 -7.59 2.64
C PRO B 36 25.48 -6.52 3.37
N PHE B 37 25.04 -5.28 3.35
CA PHE B 37 25.85 -4.14 3.84
C PHE B 37 26.45 -4.25 5.27
N GLY B 38 25.69 -4.56 6.33
CA GLY B 38 24.27 -4.86 6.32
C GLY B 38 23.48 -4.61 7.60
N TYR B 39 22.27 -4.09 7.44
CA TYR B 39 21.31 -3.97 8.53
C TYR B 39 20.26 -5.06 8.37
N LEU B 40 19.31 -5.14 9.30
CA LEU B 40 18.13 -5.98 9.13
C LEU B 40 17.50 -5.68 7.79
N HIS B 41 17.27 -6.73 7.00
CA HIS B 41 16.65 -6.63 5.68
C HIS B 41 15.19 -6.24 5.84
N GLY B 42 14.73 -5.26 5.07
CA GLY B 42 13.36 -4.76 5.15
C GLY B 42 12.35 -5.86 4.92
N GLY B 43 12.68 -6.75 4.00
CA GLY B 43 11.82 -7.88 3.69
C GLY B 43 11.67 -8.83 4.86
N ALA B 44 12.69 -8.97 5.68
CA ALA B 44 12.59 -9.89 6.81
C ALA B 44 11.66 -9.28 7.83
N SER B 45 11.76 -7.95 7.98
CA SER B 45 10.87 -7.23 8.89
C SER B 45 9.42 -7.43 8.45
N ILE B 46 9.20 -7.21 7.16
CA ILE B 46 7.85 -7.38 6.63
C ILE B 46 7.35 -8.83 6.82
N ALA B 47 8.23 -9.81 6.62
CA ALA B 47 7.85 -11.21 6.78
C ALA B 47 7.44 -11.55 8.23
N LEU B 48 8.17 -10.97 9.16
CA LEU B 48 7.80 -11.07 10.59
C LEU B 48 6.38 -10.53 10.79
N GLY B 49 6.13 -9.36 10.20
CA GLY B 49 4.79 -8.80 10.28
C GLY B 49 3.67 -9.67 9.73
N GLU B 50 3.91 -10.20 8.52
CA GLU B 50 2.91 -11.01 7.84
C GLU B 50 2.65 -12.29 8.63
N THR B 51 3.71 -12.86 9.20
CA THR B 51 3.58 -14.01 10.11
C THR B 51 2.68 -13.67 11.30
N ALA B 52 2.92 -12.50 11.92
CA ALA B 52 2.14 -12.15 13.09
C ALA B 52 0.65 -12.03 12.75
N CYS B 53 0.33 -11.31 11.67
CA CYS B 53 -1.12 -11.19 11.44
C CYS B 53 -1.74 -12.48 10.89
N SER B 54 -0.97 -13.30 10.17
CA SER B 54 -1.50 -14.59 9.73
C SER B 54 -1.83 -15.47 10.93
N LEU B 55 -0.93 -15.48 11.91
CA LEU B 55 -1.16 -16.22 13.13
C LEU B 55 -2.39 -15.68 13.88
N GLY B 56 -2.52 -14.35 13.95
CA GLY B 56 -3.66 -13.76 14.63
C GLY B 56 -5.00 -14.17 14.02
N SER B 57 -5.01 -14.11 12.68
CA SER B 57 -6.20 -14.49 11.95
C SER B 57 -6.50 -15.97 12.12
N ALA B 58 -5.48 -16.82 12.08
CA ALA B 58 -5.68 -18.26 12.30
C ALA B 58 -6.31 -18.46 13.67
N ASN B 59 -5.85 -17.69 14.66
CA ASN B 59 -6.38 -17.81 16.00
C ASN B 59 -7.82 -17.33 16.10
N LEU B 60 -8.27 -16.51 15.15
CA LEU B 60 -9.68 -16.09 15.24
C LEU B 60 -10.72 -16.93 14.50
N ILE B 61 -10.30 -17.95 13.75
CA ILE B 61 -11.23 -18.68 12.91
C ILE B 61 -11.14 -20.20 13.16
N ASP B 62 -12.10 -20.92 12.62
CA ASP B 62 -12.11 -22.38 12.72
C ASP B 62 -11.23 -22.92 11.60
N THR B 63 -10.02 -23.33 11.96
CA THR B 63 -9.06 -23.70 10.93
C THR B 63 -9.35 -25.07 10.32
N THR B 64 -10.44 -25.72 10.77
CA THR B 64 -10.87 -26.97 10.14
C THR B 64 -11.83 -26.64 8.99
N LYS B 65 -12.21 -25.38 8.86
CA LYS B 65 -13.10 -24.97 7.77
C LYS B 65 -12.53 -23.82 6.93
N PHE B 66 -11.75 -22.93 7.54
CA PHE B 66 -11.24 -21.78 6.82
C PHE B 66 -9.73 -21.70 6.90
N ILE B 67 -9.13 -21.04 5.92
CA ILE B 67 -7.68 -20.79 5.92
C ILE B 67 -7.46 -19.29 5.81
N PRO B 68 -6.53 -18.74 6.61
CA PRO B 68 -6.21 -17.31 6.49
C PRO B 68 -5.08 -17.15 5.46
N LEU B 69 -5.35 -16.39 4.41
CA LEU B 69 -4.36 -16.12 3.36
C LEU B 69 -4.07 -14.63 3.27
N GLY B 70 -2.81 -14.25 3.39
CA GLY B 70 -2.41 -12.87 3.16
C GLY B 70 -2.90 -12.46 1.79
N LEU B 71 -3.63 -11.34 1.76
CA LEU B 71 -4.19 -10.77 0.56
C LEU B 71 -3.42 -9.53 0.13
N GLU B 72 -3.25 -8.58 1.04
CA GLU B 72 -2.51 -7.37 0.73
C GLU B 72 -1.62 -6.99 1.92
N MET B 73 -0.40 -6.53 1.67
CA MET B 73 0.48 -6.11 2.77
C MET B 73 1.09 -4.79 2.39
N ASN B 74 1.17 -3.84 3.30
CA ASN B 74 1.97 -2.66 2.97
C ASN B 74 2.79 -2.23 4.17
N ALA B 75 3.86 -1.52 3.90
CA ALA B 75 4.82 -1.22 4.96
C ALA B 75 5.61 0.04 4.66
N ASN B 76 5.84 0.83 5.70
CA ASN B 76 6.80 1.94 5.68
C ASN B 76 7.99 1.56 6.56
N HIS B 77 9.19 1.64 6.00
CA HIS B 77 10.43 1.45 6.74
C HIS B 77 10.84 2.80 7.31
N ILE B 78 11.02 2.85 8.64
CA ILE B 78 11.29 4.07 9.39
C ILE B 78 12.74 4.21 9.90
N HIS B 79 13.18 3.25 10.70
CA HIS B 79 14.55 3.25 11.23
C HIS B 79 15.18 1.93 10.90
N SER B 80 16.50 1.85 10.97
CA SER B 80 17.18 0.58 10.77
C SER B 80 17.44 -0.14 12.08
N ALA B 81 17.64 -1.45 11.98
CA ALA B 81 18.06 -2.28 13.11
C ALA B 81 19.33 -2.99 12.71
N LYS B 82 20.35 -2.93 13.57
CA LYS B 82 21.65 -3.50 13.27
C LYS B 82 21.97 -4.71 14.14
N ASP B 83 21.34 -4.76 15.31
CA ASP B 83 21.57 -5.85 16.26
C ASP B 83 20.43 -5.97 17.28
N GLY B 84 20.56 -6.91 18.22
CA GLY B 84 19.53 -7.12 19.22
C GLY B 84 18.32 -7.86 18.63
N ARG B 85 17.13 -7.49 19.07
CA ARG B 85 15.88 -8.13 18.62
C ARG B 85 14.92 -7.15 17.97
N VAL B 86 14.08 -7.65 17.08
CA VAL B 86 12.94 -6.88 16.63
C VAL B 86 11.64 -7.58 17.00
N THR B 87 10.65 -6.78 17.35
CA THR B 87 9.41 -7.28 17.86
C THR B 87 8.26 -6.70 17.10
N ALA B 88 7.44 -7.58 16.52
CA ALA B 88 6.24 -7.22 15.79
C ALA B 88 5.00 -7.37 16.68
N THR B 89 4.25 -6.29 16.84
CA THR B 89 3.00 -6.28 17.59
C THR B 89 1.86 -6.05 16.59
N ALA B 90 1.04 -7.08 16.41
CA ALA B 90 -0.08 -7.06 15.47
C ALA B 90 -1.37 -6.94 16.24
N GLU B 91 -2.11 -5.88 15.97
CA GLU B 91 -3.40 -5.64 16.60
C GLU B 91 -4.48 -5.59 15.53
N ILE B 92 -5.60 -6.29 15.74
CA ILE B 92 -6.63 -6.31 14.70
C ILE B 92 -7.38 -4.98 14.67
N ILE B 93 -7.64 -4.51 13.46
CA ILE B 93 -8.39 -3.29 13.20
C ILE B 93 -9.83 -3.64 12.85
N HIS B 94 -9.98 -4.72 12.10
CA HIS B 94 -11.29 -5.11 11.60
C HIS B 94 -11.36 -6.61 11.48
N ARG B 95 -12.33 -7.21 12.14
CA ARG B 95 -12.55 -8.64 12.07
C ARG B 95 -13.78 -8.90 11.22
N GLY B 96 -13.62 -9.01 9.92
CA GLY B 96 -14.75 -9.22 9.05
C GLY B 96 -15.03 -10.70 8.81
N LYS B 97 -16.12 -10.98 8.09
CA LYS B 97 -16.49 -12.35 7.79
C LYS B 97 -15.50 -12.95 6.81
N SER B 98 -15.20 -12.20 5.76
CA SER B 98 -14.33 -12.70 4.70
C SER B 98 -12.92 -12.07 4.69
N THR B 99 -12.73 -10.94 5.37
CA THR B 99 -11.40 -10.35 5.53
C THR B 99 -11.10 -9.84 6.95
N HIS B 100 -9.85 -9.94 7.35
CA HIS B 100 -9.36 -9.27 8.58
C HIS B 100 -8.37 -8.19 8.19
N VAL B 101 -8.41 -7.05 8.87
CA VAL B 101 -7.38 -6.03 8.65
C VAL B 101 -6.59 -5.85 9.95
N TRP B 102 -5.27 -5.83 9.85
CA TRP B 102 -4.35 -5.80 11.01
C TRP B 102 -3.42 -4.62 10.92
N ASP B 103 -3.19 -3.94 12.06
CA ASP B 103 -2.12 -2.93 12.23
C ASP B 103 -0.89 -3.60 12.83
N ILE B 104 0.27 -3.42 12.23
CA ILE B 104 1.45 -4.07 12.81
C ILE B 104 2.55 -3.06 13.04
N LYS B 105 3.11 -3.02 14.24
CA LYS B 105 4.28 -2.18 14.46
C LYS B 105 5.48 -3.04 14.85
N ILE B 106 6.61 -2.76 14.21
CA ILE B 106 7.82 -3.52 14.45
C ILE B 106 8.88 -2.59 14.99
N LYS B 107 9.31 -2.91 16.22
CA LYS B 107 10.25 -2.07 17.01
C LYS B 107 11.54 -2.83 17.32
N ASN B 108 12.63 -2.09 17.55
CA ASN B 108 13.88 -2.72 17.98
C ASN B 108 13.93 -2.71 19.49
N ASP B 109 15.12 -3.03 20.02
CA ASP B 109 15.35 -3.06 21.47
C ASP B 109 15.10 -1.75 22.18
N LYS B 110 15.51 -0.66 21.55
CA LYS B 110 15.42 0.67 22.15
C LYS B 110 14.05 1.30 21.97
N GLU B 111 13.06 0.46 21.67
CA GLU B 111 11.69 0.92 21.44
C GLU B 111 11.58 1.88 20.26
N GLN B 112 12.52 1.79 19.33
CA GLN B 112 12.40 2.57 18.10
C GLN B 112 11.51 1.88 17.09
N LEU B 113 10.67 2.65 16.40
CA LEU B 113 9.90 2.11 15.29
C LEU B 113 10.78 1.78 14.10
N ILE B 114 10.86 0.51 13.77
CA ILE B 114 11.60 0.07 12.60
C ILE B 114 10.74 0.03 11.34
N THR B 115 9.58 -0.62 11.45
CA THR B 115 8.67 -0.78 10.30
C THR B 115 7.24 -0.64 10.81
N VAL B 116 6.37 0.07 10.09
CA VAL B 116 4.94 0.03 10.43
C VAL B 116 4.23 -0.56 9.23
N MET B 117 3.24 -1.40 9.46
CA MET B 117 2.62 -2.19 8.38
C MET B 117 1.13 -2.23 8.57
N ARG B 118 0.43 -2.41 7.47
CA ARG B 118 -0.98 -2.81 7.56
CA ARG B 118 -0.98 -2.78 7.53
C ARG B 118 -1.13 -4.03 6.69
N GLY B 119 -1.86 -5.02 7.20
CA GLY B 119 -2.00 -6.27 6.48
C GLY B 119 -3.46 -6.61 6.35
N THR B 120 -3.82 -7.08 5.16
CA THR B 120 -5.16 -7.54 4.88
C THR B 120 -5.12 -9.05 4.63
N VAL B 121 -5.87 -9.79 5.46
CA VAL B 121 -5.87 -11.25 5.42
C VAL B 121 -7.23 -11.81 4.96
N ALA B 122 -7.24 -12.58 3.88
CA ALA B 122 -8.48 -13.16 3.39
C ALA B 122 -8.81 -14.45 4.12
N ILE B 123 -10.08 -14.61 4.46
CA ILE B 123 -10.57 -15.81 5.09
C ILE B 123 -11.28 -16.66 4.03
N LYS B 124 -10.60 -17.70 3.56
CA LYS B 124 -11.07 -18.51 2.45
C LYS B 124 -11.37 -19.94 2.90
N PRO B 125 -12.37 -20.56 2.26
CA PRO B 125 -12.68 -21.97 2.55
C PRO B 125 -11.52 -22.91 2.18
N LEU B 126 -11.35 -23.96 2.98
CA LEU B 126 -10.30 -24.95 2.77
C LEU B 126 -10.55 -25.82 1.53
N HIS C 6 -9.15 24.13 -2.58
CA HIS C 6 -10.39 24.24 -3.35
C HIS C 6 -11.16 22.91 -3.42
N LEU C 7 -10.45 21.78 -3.43
CA LEU C 7 -11.13 20.49 -3.29
C LEU C 7 -11.78 20.43 -1.92
N LEU C 8 -11.11 21.00 -0.93
CA LEU C 8 -11.63 21.08 0.42
C LEU C 8 -13.00 21.75 0.42
N GLU C 9 -13.13 22.79 -0.40
CA GLU C 9 -14.41 23.46 -0.57
C GLU C 9 -15.34 22.62 -1.41
N THR C 10 -14.81 22.01 -2.47
CA THR C 10 -15.62 21.15 -3.32
C THR C 10 -16.27 20.05 -2.49
N PHE C 11 -15.51 19.50 -1.54
CA PHE C 11 -16.01 18.42 -0.68
C PHE C 11 -16.62 18.96 0.60
N GLU C 12 -16.64 20.29 0.73
CA GLU C 12 -17.23 20.96 1.89
C GLU C 12 -16.59 20.49 3.19
N MET C 13 -15.25 20.40 3.19
CA MET C 13 -14.51 19.93 4.36
C MET C 13 -14.46 21.00 5.45
N SER C 14 -14.53 20.55 6.70
CA SER C 14 -14.43 21.45 7.84
C SER C 14 -13.34 20.96 8.79
N ILE C 15 -12.38 21.84 9.09
CA ILE C 15 -11.33 21.52 10.04
C ILE C 15 -11.84 21.66 11.46
N ASP C 16 -12.00 20.53 12.13
CA ASP C 16 -12.56 20.50 13.47
C ASP C 16 -11.54 20.64 14.59
N HIS C 17 -10.30 20.21 14.36
CA HIS C 17 -9.29 20.33 15.40
C HIS C 17 -7.89 20.17 14.82
N GLN C 18 -6.97 21.00 15.32
CA GLN C 18 -5.58 20.91 14.91
C GLN C 18 -4.66 21.11 16.09
N GLU C 19 -3.63 20.29 16.17
CA GLU C 19 -2.50 20.59 17.03
C GLU C 19 -1.31 19.87 16.42
N ASP C 20 -0.11 20.15 16.92
CA ASP C 20 1.08 19.57 16.32
C ASP C 20 1.00 18.03 16.29
N GLY C 21 1.00 17.48 15.08
CA GLY C 21 0.95 16.03 14.89
C GLY C 21 -0.45 15.44 14.90
N LEU C 22 -1.45 16.31 14.88
CA LEU C 22 -2.84 15.84 14.93
C LEU C 22 -3.77 16.74 14.14
N VAL C 23 -4.55 16.13 13.24
CA VAL C 23 -5.55 16.84 12.46
C VAL C 23 -6.89 16.12 12.42
N VAL C 24 -7.99 16.83 12.65
CA VAL C 24 -9.33 16.24 12.50
C VAL C 24 -10.14 17.06 11.49
N ILE C 25 -10.58 16.42 10.41
CA ILE C 25 -11.34 17.10 9.37
C ILE C 25 -12.57 16.30 9.01
N SER C 26 -13.73 16.95 8.90
CA SER C 26 -14.97 16.25 8.58
C SER C 26 -15.54 16.74 7.27
N MET C 27 -16.50 15.99 6.74
CA MET C 27 -17.19 16.41 5.55
C MET C 27 -18.52 15.68 5.44
N PRO C 28 -19.51 16.29 4.77
CA PRO C 28 -20.81 15.63 4.61
C PRO C 28 -20.80 14.56 3.53
N VAL C 29 -21.56 13.49 3.75
CA VAL C 29 -21.76 12.49 2.73
C VAL C 29 -22.95 12.86 1.86
N THR C 30 -22.66 13.49 0.72
CA THR C 30 -23.69 13.94 -0.21
C THR C 30 -23.54 13.30 -1.57
N ASP C 31 -24.47 13.64 -2.46
CA ASP C 31 -24.46 13.12 -3.81
C ASP C 31 -23.19 13.51 -4.57
N LYS C 32 -22.61 14.67 -4.25
CA LYS C 32 -21.37 15.12 -4.91
C LYS C 32 -20.20 14.15 -4.73
N VAL C 33 -20.21 13.37 -3.65
CA VAL C 33 -19.10 12.46 -3.33
C VAL C 33 -19.47 10.97 -3.31
N LYS C 34 -20.60 10.60 -3.89
CA LYS C 34 -21.05 9.22 -3.87
C LYS C 34 -20.66 8.42 -5.11
N GLN C 35 -20.72 7.10 -4.95
CA GLN C 35 -20.64 6.14 -6.05
C GLN C 35 -22.06 6.12 -6.68
N PRO C 36 -22.24 5.52 -7.87
CA PRO C 36 -23.59 5.48 -8.43
C PRO C 36 -24.58 4.70 -7.55
N PHE C 37 -24.14 3.64 -6.88
CA PHE C 37 -25.07 2.72 -6.19
C PHE C 37 -26.14 3.29 -5.22
N GLY C 38 -25.78 4.14 -4.26
CA GLY C 38 -24.44 4.63 -4.06
C GLY C 38 -24.14 5.00 -2.63
N TYR C 39 -22.94 4.61 -2.22
CA TYR C 39 -22.41 4.99 -0.94
C TYR C 39 -21.35 6.06 -1.21
N LEU C 40 -20.75 6.54 -0.14
CA LEU C 40 -19.59 7.42 -0.21
C LEU C 40 -18.52 6.83 -1.10
N HIS C 41 -18.02 7.64 -2.04
CA HIS C 41 -16.97 7.18 -2.94
C HIS C 41 -15.67 6.89 -2.16
N GLY C 42 -15.07 5.74 -2.42
CA GLY C 42 -13.83 5.33 -1.76
C GLY C 42 -12.77 6.38 -1.99
N GLY C 43 -12.75 6.91 -3.21
CA GLY C 43 -11.82 7.95 -3.61
C GLY C 43 -12.04 9.22 -2.81
N ALA C 44 -13.30 9.49 -2.43
CA ALA C 44 -13.63 10.70 -1.68
C ALA C 44 -13.11 10.60 -0.25
N SER C 45 -13.30 9.43 0.35
CA SER C 45 -12.77 9.15 1.67
C SER C 45 -11.24 9.30 1.67
N ILE C 46 -10.60 8.65 0.69
CA ILE C 46 -9.15 8.74 0.58
C ILE C 46 -8.70 10.19 0.39
N ALA C 47 -9.47 10.96 -0.38
CA ALA C 47 -9.15 12.35 -0.64
C ALA C 47 -9.18 13.16 0.65
N LEU C 48 -10.18 12.87 1.48
CA LEU C 48 -10.27 13.45 2.80
C LEU C 48 -9.04 13.13 3.65
N GLY C 49 -8.64 11.86 3.64
CA GLY C 49 -7.47 11.42 4.36
C GLY C 49 -6.19 12.11 3.95
N GLU C 50 -6.00 12.19 2.64
CA GLU C 50 -4.79 12.77 2.09
C GLU C 50 -4.76 14.27 2.44
N THR C 51 -5.93 14.91 2.44
CA THR C 51 -6.08 16.30 2.89
C THR C 51 -5.67 16.46 4.35
N ALA C 52 -6.16 15.57 5.19
CA ALA C 52 -5.83 15.66 6.60
C ALA C 52 -4.32 15.53 6.87
N CYS C 53 -3.66 14.52 6.31
CA CYS C 53 -2.24 14.39 6.66
C CYS C 53 -1.41 15.47 5.97
N SER C 54 -1.84 15.92 4.79
CA SER C 54 -1.12 16.99 4.12
C SER C 54 -1.21 18.29 4.95
N LEU C 55 -2.39 18.59 5.47
CA LEU C 55 -2.54 19.71 6.37
C LEU C 55 -1.68 19.51 7.63
N GLY C 56 -1.64 18.28 8.16
CA GLY C 56 -0.84 18.00 9.35
C GLY C 56 0.63 18.32 9.16
N SER C 57 1.15 17.86 8.03
CA SER C 57 2.54 18.12 7.69
C SER C 57 2.77 19.63 7.45
N ALA C 58 1.83 20.29 6.78
CA ALA C 58 1.94 21.73 6.58
C ALA C 58 2.01 22.46 7.91
N ASN C 59 1.23 22.03 8.89
CA ASN C 59 1.23 22.68 10.21
C ASN C 59 2.56 22.44 10.93
N LEU C 60 3.30 21.41 10.52
CA LEU C 60 4.63 21.21 11.16
C LEU C 60 5.83 21.90 10.48
N ILE C 61 5.63 22.55 9.35
CA ILE C 61 6.77 23.13 8.60
C ILE C 61 6.56 24.60 8.22
N ASP C 62 7.62 25.24 7.74
CA ASP C 62 7.53 26.61 7.23
C ASP C 62 7.06 26.57 5.78
N THR C 63 5.78 26.86 5.54
CA THR C 63 5.23 26.68 4.21
C THR C 63 5.63 27.82 3.27
N THR C 64 6.45 28.76 3.74
CA THR C 64 6.99 29.77 2.82
C THR C 64 8.29 29.28 2.22
N LYS C 65 8.80 28.17 2.74
CA LYS C 65 10.06 27.59 2.31
C LYS C 65 9.89 26.14 1.86
N PHE C 66 8.91 25.45 2.45
CA PHE C 66 8.69 24.03 2.12
C PHE C 66 7.23 23.75 1.77
N ILE C 67 7.01 22.70 0.99
CA ILE C 67 5.67 22.29 0.65
C ILE C 67 5.52 20.81 0.99
N PRO C 68 4.40 20.43 1.61
CA PRO C 68 4.16 19.02 1.88
C PRO C 68 3.46 18.39 0.67
N LEU C 69 4.11 17.40 0.08
CA LEU C 69 3.56 16.71 -1.08
C LEU C 69 3.31 15.25 -0.76
N GLY C 70 2.06 14.80 -0.92
CA GLY C 70 1.75 13.40 -0.80
C GLY C 70 2.64 12.58 -1.73
N LEU C 71 3.33 11.61 -1.15
CA LEU C 71 4.23 10.78 -1.92
C LEU C 71 3.62 9.41 -2.12
N GLU C 72 3.13 8.82 -1.04
CA GLU C 72 2.52 7.48 -1.15
C GLU C 72 1.31 7.43 -0.25
N MET C 73 0.22 6.83 -0.72
CA MET C 73 -0.99 6.71 0.08
C MET C 73 -1.53 5.30 -0.03
N ASN C 74 -1.95 4.73 1.09
CA ASN C 74 -2.66 3.46 1.00
C ASN C 74 -3.84 3.43 1.95
N ALA C 75 -4.80 2.59 1.65
CA ALA C 75 -6.07 2.61 2.33
C ALA C 75 -6.78 1.28 2.26
N ASN C 76 -7.40 0.91 3.36
CA ASN C 76 -8.33 -0.19 3.41
C ASN C 76 -9.70 0.42 3.62
N HIS C 77 -10.64 0.07 2.76
CA HIS C 77 -12.05 0.47 2.95
C HIS C 77 -12.75 -0.61 3.77
N ILE C 78 -13.34 -0.24 4.91
CA ILE C 78 -13.84 -1.23 5.85
C ILE C 78 -15.38 -1.30 5.84
N HIS C 79 -16.03 -0.16 6.05
CA HIS C 79 -17.49 -0.09 5.99
C HIS C 79 -17.86 0.98 5.00
N SER C 80 -19.11 0.94 4.55
CA SER C 80 -19.62 1.98 3.65
C SER C 80 -20.30 3.09 4.43
N ALA C 81 -20.43 4.25 3.82
CA ALA C 81 -21.21 5.35 4.39
C ALA C 81 -22.24 5.81 3.37
N LYS C 82 -23.49 5.90 3.79
CA LYS C 82 -24.59 6.22 2.87
C LYS C 82 -25.10 7.63 3.16
N ASP C 83 -24.88 8.10 4.38
CA ASP C 83 -25.38 9.41 4.78
C ASP C 83 -24.63 9.97 5.98
N GLY C 84 -25.03 11.18 6.40
CA GLY C 84 -24.42 11.85 7.53
C GLY C 84 -23.07 12.47 7.17
N ARG C 85 -22.14 12.42 8.13
CA ARG C 85 -20.81 12.98 7.96
C ARG C 85 -19.70 11.96 8.23
N VAL C 86 -18.56 12.14 7.56
CA VAL C 86 -17.40 11.34 7.90
C VAL C 86 -16.31 12.24 8.44
N THR C 87 -15.56 11.69 9.38
CA THR C 87 -14.53 12.39 10.11
C THR C 87 -13.19 11.67 10.02
N ALA C 88 -12.19 12.37 9.49
CA ALA C 88 -10.82 11.86 9.39
C ALA C 88 -9.95 12.40 10.50
N THR C 89 -9.33 11.48 11.24
CA THR C 89 -8.33 11.81 12.24
C THR C 89 -6.93 11.34 11.79
N ALA C 90 -6.03 12.30 11.56
CA ALA C 90 -4.65 12.03 11.20
C ALA C 90 -3.71 12.27 12.37
N GLU C 91 -2.99 11.21 12.76
CA GLU C 91 -1.99 11.28 13.82
C GLU C 91 -0.63 10.94 13.24
N ILE C 92 0.37 11.75 13.55
CA ILE C 92 1.69 11.50 12.97
C ILE C 92 2.36 10.29 13.63
N ILE C 93 2.96 9.46 12.79
CA ILE C 93 3.67 8.24 13.20
C ILE C 93 5.16 8.51 13.27
N HIS C 94 5.65 9.27 12.31
CA HIS C 94 7.05 9.56 12.18
C HIS C 94 7.28 10.92 11.53
N ARG C 95 8.01 11.79 12.21
CA ARG C 95 8.37 13.10 11.69
C ARG C 95 9.83 13.17 11.29
N GLY C 96 10.12 12.82 10.05
CA GLY C 96 11.48 12.83 9.58
C GLY C 96 11.76 14.17 8.97
N LYS C 97 13.02 14.38 8.56
CA LYS C 97 13.42 15.62 7.91
C LYS C 97 12.80 15.74 6.52
N SER C 98 12.81 14.65 5.76
CA SER C 98 12.35 14.74 4.38
C SER C 98 11.01 14.06 4.11
N THR C 99 10.57 13.18 5.02
CA THR C 99 9.24 12.60 4.93
C THR C 99 8.58 12.55 6.30
N HIS C 100 7.26 12.68 6.28
CA HIS C 100 6.39 12.42 7.43
C HIS C 100 5.52 11.20 7.13
N VAL C 101 5.32 10.37 8.13
CA VAL C 101 4.40 9.26 7.93
C VAL C 101 3.24 9.44 8.89
N TRP C 102 2.03 9.28 8.37
CA TRP C 102 0.80 9.57 9.09
C TRP C 102 -0.11 8.36 9.14
N ASP C 103 -0.73 8.16 10.29
CA ASP C 103 -1.85 7.23 10.44
C ASP C 103 -3.15 7.99 10.28
N ILE C 104 -4.08 7.50 9.46
CA ILE C 104 -5.37 8.17 9.29
C ILE C 104 -6.54 7.21 9.50
N LYS C 105 -7.46 7.57 10.38
CA LYS C 105 -8.68 6.78 10.57
C LYS C 105 -9.89 7.63 10.21
N ILE C 106 -10.76 7.08 9.36
CA ILE C 106 -11.95 7.79 8.90
C ILE C 106 -13.20 7.04 9.34
N LYS C 107 -14.00 7.74 10.15
CA LYS C 107 -15.17 7.15 10.81
C LYS C 107 -16.47 7.85 10.43
N ASN C 108 -17.59 7.16 10.58
CA ASN C 108 -18.87 7.83 10.35
C ASN C 108 -19.49 8.34 11.66
N ASP C 109 -20.72 8.84 11.55
CA ASP C 109 -21.47 9.37 12.69
C ASP C 109 -21.69 8.33 13.76
N LYS C 110 -21.88 7.08 13.34
CA LYS C 110 -22.15 5.98 14.25
C LYS C 110 -20.84 5.45 14.86
N GLU C 111 -19.78 6.23 14.71
CA GLU C 111 -18.45 5.89 15.20
C GLU C 111 -17.90 4.58 14.62
N GLN C 112 -18.37 4.22 13.43
CA GLN C 112 -17.86 3.06 12.68
C GLN C 112 -16.63 3.36 11.80
N LEU C 113 -15.67 2.45 11.72
CA LEU C 113 -14.53 2.65 10.80
C LEU C 113 -14.89 2.46 9.34
N ILE C 114 -14.81 3.55 8.58
CA ILE C 114 -15.06 3.54 7.15
C ILE C 114 -13.79 3.25 6.37
N THR C 115 -12.71 3.97 6.70
CA THR C 115 -11.46 3.80 5.96
C THR C 115 -10.30 3.94 6.90
N VAL C 116 -9.32 3.07 6.77
CA VAL C 116 -8.05 3.24 7.48
C VAL C 116 -6.96 3.44 6.45
N MET C 117 -6.06 4.34 6.77
CA MET C 117 -5.17 4.85 5.77
C MET C 117 -3.78 5.06 6.35
N ARG C 118 -2.76 4.94 5.51
CA ARG C 118 -1.43 5.40 5.91
C ARG C 118 -0.90 6.26 4.81
N GLY C 119 -0.35 7.41 5.20
CA GLY C 119 0.12 8.37 4.22
C GLY C 119 1.56 8.75 4.46
N THR C 120 2.30 8.81 3.38
CA THR C 120 3.69 9.24 3.40
C THR C 120 3.78 10.55 2.63
N VAL C 121 4.23 11.59 3.33
CA VAL C 121 4.29 12.95 2.80
C VAL C 121 5.72 13.43 2.65
N ALA C 122 6.09 13.84 1.45
CA ALA C 122 7.41 14.40 1.19
C ALA C 122 7.47 15.89 1.50
N ILE C 123 8.56 16.29 2.12
CA ILE C 123 8.79 17.70 2.43
C ILE C 123 9.78 18.28 1.42
N LYS C 124 9.28 19.08 0.49
CA LYS C 124 10.16 19.56 -0.59
C LYS C 124 10.33 21.07 -0.49
N PRO C 125 11.51 21.59 -0.86
CA PRO C 125 11.69 23.05 -0.90
C PRO C 125 10.79 23.68 -1.94
N LEU C 126 10.28 24.89 -1.68
CA LEU C 126 9.36 25.53 -2.62
C LEU C 126 10.09 25.91 -3.90
N HIS D 6 -21.54 9.55 -9.33
CA HIS D 6 -22.08 10.87 -9.11
C HIS D 6 -20.91 11.82 -8.93
N LEU D 7 -19.87 11.30 -8.28
CA LEU D 7 -18.57 11.96 -8.19
C LEU D 7 -17.99 11.99 -9.59
N LEU D 8 -18.35 10.97 -10.38
CA LEU D 8 -17.95 10.89 -11.78
C LEU D 8 -18.32 12.18 -12.49
N GLU D 9 -19.52 12.68 -12.15
CA GLU D 9 -20.03 13.92 -12.71
C GLU D 9 -19.31 15.13 -12.11
N THR D 10 -19.07 15.10 -10.80
CA THR D 10 -18.38 16.17 -10.12
C THR D 10 -17.01 16.44 -10.73
N PHE D 11 -16.32 15.38 -11.12
CA PHE D 11 -14.99 15.48 -11.69
C PHE D 11 -14.99 15.51 -13.23
N GLU D 12 -16.17 15.45 -13.86
CA GLU D 12 -16.30 15.45 -15.34
C GLU D 12 -15.52 14.33 -16.02
N MET D 13 -15.68 13.12 -15.51
CA MET D 13 -14.96 11.98 -16.05
C MET D 13 -15.55 11.56 -17.40
N SER D 14 -14.69 11.15 -18.32
CA SER D 14 -15.15 10.64 -19.61
C SER D 14 -14.52 9.28 -19.90
N ILE D 15 -15.36 8.29 -20.17
CA ILE D 15 -14.87 6.98 -20.53
C ILE D 15 -14.38 6.98 -21.97
N ASP D 16 -13.07 6.85 -22.13
CA ASP D 16 -12.45 6.91 -23.45
C ASP D 16 -12.44 5.55 -24.15
N HIS D 17 -12.38 4.47 -23.38
CA HIS D 17 -12.41 3.13 -23.96
C HIS D 17 -12.65 2.05 -22.90
N GLN D 18 -13.44 1.03 -23.25
CA GLN D 18 -13.64 -0.13 -22.37
C GLN D 18 -13.63 -1.44 -23.12
N GLU D 19 -13.02 -2.46 -22.52
CA GLU D 19 -13.20 -3.83 -22.94
C GLU D 19 -12.94 -4.71 -21.74
N ASP D 20 -13.20 -6.02 -21.86
CA ASP D 20 -13.03 -6.91 -20.74
C ASP D 20 -11.61 -6.83 -20.16
N GLY D 21 -11.52 -6.38 -18.92
CA GLY D 21 -10.24 -6.25 -18.23
C GLY D 21 -9.49 -4.97 -18.51
N LEU D 22 -10.14 -4.03 -19.17
CA LEU D 22 -9.47 -2.77 -19.51
C LEU D 22 -10.40 -1.56 -19.54
N VAL D 23 -10.02 -0.50 -18.84
CA VAL D 23 -10.75 0.75 -18.85
C VAL D 23 -9.81 1.94 -19.04
N VAL D 24 -10.16 2.87 -19.92
CA VAL D 24 -9.40 4.09 -20.06
C VAL D 24 -10.37 5.22 -19.76
N ILE D 25 -10.11 6.01 -18.72
CA ILE D 25 -11.03 7.07 -18.31
C ILE D 25 -10.30 8.38 -17.94
N SER D 26 -10.82 9.51 -18.42
CA SER D 26 -10.16 10.82 -18.27
C SER D 26 -10.95 11.82 -17.43
N MET D 27 -10.30 12.92 -17.04
CA MET D 27 -11.02 14.04 -16.40
C MET D 27 -10.18 15.29 -16.54
N PRO D 28 -10.85 16.46 -16.55
CA PRO D 28 -10.10 17.71 -16.65
C PRO D 28 -9.52 18.11 -15.30
N VAL D 29 -8.34 18.70 -15.35
CA VAL D 29 -7.69 19.24 -14.15
C VAL D 29 -8.17 20.65 -13.94
N THR D 30 -9.16 20.86 -13.09
CA THR D 30 -9.67 22.21 -12.84
C THR D 30 -9.52 22.61 -11.37
N ASP D 31 -9.92 23.83 -11.00
CA ASP D 31 -9.78 24.28 -9.62
C ASP D 31 -10.51 23.43 -8.58
N LYS D 32 -11.67 22.91 -8.95
CA LYS D 32 -12.45 22.10 -8.01
C LYS D 32 -11.77 20.82 -7.52
N VAL D 33 -10.74 20.36 -8.23
CA VAL D 33 -10.05 19.16 -7.82
C VAL D 33 -8.60 19.48 -7.46
N LYS D 34 -8.31 20.76 -7.27
CA LYS D 34 -6.95 21.20 -6.93
C LYS D 34 -6.72 21.37 -5.44
N GLN D 35 -5.45 21.35 -5.05
CA GLN D 35 -5.02 21.77 -3.72
C GLN D 35 -4.97 23.28 -3.68
N PRO D 36 -4.84 23.85 -2.47
CA PRO D 36 -4.83 25.32 -2.42
C PRO D 36 -3.66 25.95 -3.18
N PHE D 37 -2.49 25.31 -3.17
CA PHE D 37 -1.28 25.95 -3.69
C PHE D 37 -1.36 26.51 -5.13
N GLY D 38 -1.84 25.76 -6.13
CA GLY D 38 -2.38 24.42 -6.03
C GLY D 38 -2.21 23.54 -7.25
N TYR D 39 -1.90 22.28 -6.99
CA TYR D 39 -1.76 21.28 -8.02
C TYR D 39 -3.00 20.39 -8.07
N LEU D 40 -3.05 19.45 -9.01
CA LEU D 40 -4.04 18.40 -8.94
C LEU D 40 -3.90 17.73 -7.58
N HIS D 41 -5.00 17.61 -6.86
CA HIS D 41 -5.01 16.97 -5.54
C HIS D 41 -4.72 15.48 -5.70
N GLY D 42 -3.84 14.94 -4.87
CA GLY D 42 -3.49 13.52 -4.93
C GLY D 42 -4.72 12.64 -4.77
N GLY D 43 -5.62 13.08 -3.89
CA GLY D 43 -6.86 12.40 -3.63
C GLY D 43 -7.80 12.36 -4.83
N ALA D 44 -7.76 13.38 -5.68
CA ALA D 44 -8.63 13.42 -6.87
C ALA D 44 -8.16 12.40 -7.89
N SER D 45 -6.85 12.37 -8.06
CA SER D 45 -6.20 11.39 -8.92
C SER D 45 -6.53 9.97 -8.43
N ILE D 46 -6.39 9.75 -7.13
CA ILE D 46 -6.72 8.45 -6.58
C ILE D 46 -8.21 8.11 -6.79
N ALA D 47 -9.10 9.10 -6.70
CA ALA D 47 -10.53 8.87 -6.95
C ALA D 47 -10.80 8.49 -8.42
N LEU D 48 -10.08 9.12 -9.34
CA LEU D 48 -10.18 8.71 -10.75
C LEU D 48 -9.77 7.25 -10.88
N GLY D 49 -8.66 6.89 -10.23
CA GLY D 49 -8.21 5.51 -10.25
C GLY D 49 -9.22 4.49 -9.72
N GLU D 50 -9.79 4.79 -8.56
CA GLU D 50 -10.74 3.86 -7.94
C GLU D 50 -12.00 3.75 -8.81
N THR D 51 -12.39 4.86 -9.42
CA THR D 51 -13.49 4.86 -10.36
C THR D 51 -13.19 3.89 -11.51
N ALA D 52 -11.99 3.98 -12.06
CA ALA D 52 -11.60 3.11 -13.16
C ALA D 52 -11.75 1.66 -12.71
N CYS D 53 -11.31 1.39 -11.48
CA CYS D 53 -11.34 0.01 -10.99
C CYS D 53 -12.70 -0.57 -10.83
N SER D 54 -13.57 0.20 -10.19
CA SER D 54 -14.93 -0.25 -9.97
C SER D 54 -15.70 -0.41 -11.28
N LEU D 55 -15.51 0.52 -12.22
CA LEU D 55 -16.16 0.38 -13.52
C LEU D 55 -15.71 -0.89 -14.24
N GLY D 56 -14.41 -1.14 -14.22
CA GLY D 56 -13.83 -2.31 -14.84
C GLY D 56 -14.37 -3.59 -14.24
N SER D 57 -14.43 -3.63 -12.91
CA SER D 57 -14.96 -4.79 -12.24
C SER D 57 -16.44 -4.99 -12.57
N ALA D 58 -17.19 -3.90 -12.66
CA ALA D 58 -18.61 -3.96 -13.03
C ALA D 58 -18.78 -4.58 -14.41
N ASN D 59 -17.90 -4.22 -15.34
CA ASN D 59 -17.96 -4.75 -16.70
C ASN D 59 -17.68 -6.25 -16.72
N LEU D 60 -17.01 -6.73 -15.68
CA LEU D 60 -16.67 -8.14 -15.60
C LEU D 60 -17.68 -9.00 -14.82
N ILE D 61 -18.68 -8.38 -14.20
CA ILE D 61 -19.59 -9.17 -13.37
C ILE D 61 -21.05 -8.92 -13.70
N ASP D 62 -21.92 -9.77 -13.17
CA ASP D 62 -23.36 -9.55 -13.30
C ASP D 62 -23.81 -8.61 -12.20
N THR D 63 -24.00 -7.35 -12.55
CA THR D 63 -24.27 -6.31 -11.56
C THR D 63 -25.69 -6.35 -11.02
N THR D 64 -26.47 -7.32 -11.48
CA THR D 64 -27.82 -7.54 -10.96
C THR D 64 -27.76 -8.52 -9.79
N LYS D 65 -26.58 -9.10 -9.59
CA LYS D 65 -26.35 -10.06 -8.51
C LYS D 65 -25.21 -9.61 -7.59
N PHE D 66 -24.24 -8.89 -8.15
CA PHE D 66 -23.06 -8.51 -7.39
C PHE D 66 -22.71 -7.02 -7.45
N ILE D 67 -21.99 -6.57 -6.43
CA ILE D 67 -21.51 -5.19 -6.40
C ILE D 67 -20.00 -5.15 -6.19
N PRO D 68 -19.31 -4.31 -6.98
CA PRO D 68 -17.87 -4.18 -6.76
C PRO D 68 -17.57 -3.06 -5.75
N LEU D 69 -16.94 -3.43 -4.64
CA LEU D 69 -16.60 -2.48 -3.59
C LEU D 69 -15.08 -2.40 -3.43
N GLY D 70 -14.52 -1.20 -3.56
CA GLY D 70 -13.11 -1.00 -3.33
C GLY D 70 -12.74 -1.52 -1.96
N LEU D 71 -11.77 -2.42 -1.91
CA LEU D 71 -11.33 -3.04 -0.67
C LEU D 71 -10.00 -2.45 -0.19
N GLU D 72 -9.02 -2.36 -1.08
CA GLU D 72 -7.73 -1.75 -0.73
C GLU D 72 -7.25 -0.94 -1.88
N MET D 73 -6.64 0.22 -1.61
CA MET D 73 -6.07 1.05 -2.67
C MET D 73 -4.72 1.55 -2.25
N ASN D 74 -3.76 1.51 -3.16
CA ASN D 74 -2.50 2.19 -2.88
C ASN D 74 -1.98 2.97 -4.08
N ALA D 75 -1.18 4.00 -3.81
CA ALA D 75 -0.79 4.94 -4.85
C ALA D 75 0.54 5.63 -4.54
N ASN D 76 1.33 5.81 -5.60
CA ASN D 76 2.49 6.65 -5.56
C ASN D 76 2.21 7.87 -6.45
N HIS D 77 2.40 9.04 -5.87
CA HIS D 77 2.30 10.26 -6.64
C HIS D 77 3.70 10.57 -7.20
N ILE D 78 3.80 10.66 -8.51
CA ILE D 78 5.10 10.75 -9.20
C ILE D 78 5.41 12.16 -9.69
N HIS D 79 4.50 12.74 -10.46
CA HIS D 79 4.64 14.09 -10.94
C HIS D 79 3.41 14.89 -10.57
N SER D 80 3.54 16.20 -10.63
CA SER D 80 2.39 17.06 -10.38
C SER D 80 1.68 17.35 -11.69
N ALA D 81 0.40 17.70 -11.58
CA ALA D 81 -0.37 18.13 -12.74
C ALA D 81 -0.96 19.49 -12.40
N LYS D 82 -0.78 20.44 -13.32
CA LYS D 82 -1.23 21.79 -13.05
C LYS D 82 -2.43 22.16 -13.91
N ASP D 83 -2.56 21.50 -15.05
CA ASP D 83 -3.63 21.84 -15.99
C ASP D 83 -3.91 20.73 -16.99
N GLY D 84 -4.88 20.98 -17.86
CA GLY D 84 -5.24 20.02 -18.88
C GLY D 84 -6.04 18.86 -18.34
N ARG D 85 -5.78 17.68 -18.90
CA ARG D 85 -6.52 16.49 -18.51
C ARG D 85 -5.61 15.40 -17.99
N VAL D 86 -6.16 14.55 -17.11
CA VAL D 86 -5.45 13.35 -16.72
C VAL D 86 -6.23 12.11 -17.14
N THR D 87 -5.48 11.08 -17.53
CA THR D 87 -6.03 9.86 -18.10
C THR D 87 -5.54 8.64 -17.34
N ALA D 88 -6.50 7.91 -16.79
CA ALA D 88 -6.26 6.68 -16.06
C ALA D 88 -6.52 5.47 -16.95
N THR D 89 -5.52 4.60 -17.04
CA THR D 89 -5.67 3.32 -17.69
C THR D 89 -5.62 2.25 -16.63
N ALA D 90 -6.75 1.59 -16.45
CA ALA D 90 -6.88 0.50 -15.53
C ALA D 90 -6.90 -0.81 -16.31
N GLU D 91 -5.90 -1.65 -16.07
CA GLU D 91 -5.82 -2.95 -16.70
C GLU D 91 -5.85 -4.01 -15.61
N ILE D 92 -6.66 -5.06 -15.78
CA ILE D 92 -6.79 -6.05 -14.71
C ILE D 92 -5.58 -6.99 -14.64
N ILE D 93 -5.20 -7.28 -13.40
CA ILE D 93 -4.09 -8.15 -13.03
C ILE D 93 -4.60 -9.55 -12.70
N HIS D 94 -5.76 -9.58 -12.05
CA HIS D 94 -6.34 -10.82 -11.56
C HIS D 94 -7.85 -10.75 -11.44
N ARG D 95 -8.56 -11.69 -12.08
CA ARG D 95 -10.01 -11.78 -11.96
C ARG D 95 -10.41 -12.98 -11.08
N GLY D 96 -10.46 -12.78 -9.77
CA GLY D 96 -10.80 -13.86 -8.88
C GLY D 96 -12.29 -13.91 -8.60
N LYS D 97 -12.74 -14.89 -7.83
CA LYS D 97 -14.15 -14.94 -7.49
C LYS D 97 -14.59 -13.83 -6.57
N SER D 98 -13.79 -13.56 -5.54
CA SER D 98 -14.18 -12.59 -4.54
C SER D 98 -13.39 -11.29 -4.60
N THR D 99 -12.24 -11.29 -5.28
CA THR D 99 -11.50 -10.05 -5.51
C THR D 99 -11.01 -9.93 -6.94
N HIS D 100 -10.92 -8.69 -7.41
CA HIS D 100 -10.22 -8.35 -8.63
C HIS D 100 -9.07 -7.44 -8.27
N VAL D 101 -7.92 -7.64 -8.90
CA VAL D 101 -6.80 -6.75 -8.67
C VAL D 101 -6.50 -5.99 -9.95
N TRP D 102 -6.34 -4.68 -9.84
CA TRP D 102 -6.19 -3.79 -10.98
C TRP D 102 -4.91 -2.99 -10.88
N ASP D 103 -4.20 -2.88 -11.99
CA ASP D 103 -3.09 -1.93 -12.15
C ASP D 103 -3.57 -0.67 -12.85
N ILE D 104 -3.26 0.49 -12.29
CA ILE D 104 -3.70 1.76 -12.85
C ILE D 104 -2.57 2.76 -13.08
N LYS D 105 -2.49 3.30 -14.29
CA LYS D 105 -1.53 4.36 -14.56
C LYS D 105 -2.26 5.64 -14.95
N ILE D 106 -1.90 6.73 -14.30
CA ILE D 106 -2.54 8.01 -14.55
C ILE D 106 -1.54 9.03 -15.10
N LYS D 107 -1.78 9.48 -16.32
CA LYS D 107 -0.87 10.35 -17.05
C LYS D 107 -1.52 11.68 -17.36
N ASN D 108 -0.72 12.72 -17.59
CA ASN D 108 -1.28 14.01 -17.99
C ASN D 108 -1.24 14.18 -19.51
N ASP D 109 -1.56 15.39 -19.99
CA ASP D 109 -1.55 15.68 -21.43
C ASP D 109 -0.18 15.47 -22.07
N LYS D 110 0.85 15.84 -21.32
CA LYS D 110 2.21 15.83 -21.82
C LYS D 110 2.79 14.42 -21.74
N GLU D 111 1.89 13.45 -21.56
CA GLU D 111 2.24 12.03 -21.44
C GLU D 111 3.19 11.77 -20.28
N GLN D 112 3.13 12.62 -19.25
CA GLN D 112 3.87 12.40 -18.01
C GLN D 112 3.12 11.49 -17.05
N LEU D 113 3.84 10.61 -16.38
CA LEU D 113 3.24 9.77 -15.35
C LEU D 113 2.97 10.63 -14.11
N ILE D 114 1.69 10.79 -13.78
CA ILE D 114 1.26 11.55 -12.61
C ILE D 114 1.12 10.69 -11.36
N THR D 115 0.38 9.61 -11.50
CA THR D 115 0.09 8.75 -10.35
C THR D 115 0.06 7.30 -10.79
N VAL D 116 0.67 6.41 -10.02
CA VAL D 116 0.47 4.97 -10.24
C VAL D 116 -0.21 4.31 -9.06
N MET D 117 -1.13 3.39 -9.35
CA MET D 117 -1.98 2.80 -8.35
C MET D 117 -2.15 1.31 -8.54
N ARG D 118 -2.46 0.62 -7.43
CA ARG D 118 -2.96 -0.74 -7.51
C ARG D 118 -4.20 -0.79 -6.64
N GLY D 119 -5.25 -1.43 -7.15
CA GLY D 119 -6.51 -1.47 -6.47
C GLY D 119 -7.01 -2.88 -6.33
N THR D 120 -7.52 -3.20 -5.15
CA THR D 120 -8.15 -4.48 -4.89
C THR D 120 -9.60 -4.22 -4.65
N VAL D 121 -10.46 -4.82 -5.49
CA VAL D 121 -11.89 -4.64 -5.44
C VAL D 121 -12.56 -5.92 -4.99
N ALA D 122 -13.34 -5.85 -3.91
CA ALA D 122 -14.08 -7.00 -3.44
C ALA D 122 -15.39 -7.13 -4.20
N ILE D 123 -15.74 -8.36 -4.56
CA ILE D 123 -17.00 -8.64 -5.25
C ILE D 123 -18.03 -9.19 -4.24
N LYS D 124 -18.98 -8.35 -3.85
CA LYS D 124 -19.91 -8.67 -2.77
C LYS D 124 -21.37 -8.78 -3.24
N PRO D 125 -22.15 -9.66 -2.60
CA PRO D 125 -23.59 -9.81 -2.86
C PRO D 125 -24.39 -8.55 -2.50
#